data_1C58
#
_entry.id   1C58
#
_cell.length_a   21.840
_cell.length_b   22.920
_cell.length_c   29.050
_cell.angle_alpha   87.36
_cell.angle_beta   89.51
_cell.angle_gamma   61.98
#
_symmetry.space_group_name_H-M   'P 1'
#
loop_
_entity.id
_entity.type
_entity.pdbx_description
1 branched Cyclohexacosakis-(1-4)-(alpha-D-glucopyranose)
2 water water
#
loop_
_chem_comp.id
_chem_comp.type
_chem_comp.name
_chem_comp.formula
GLC D-saccharide, alpha linking alpha-D-glucopyranose 'C6 H12 O6'
#
# COMPACT_ATOMS: atom_id res chain seq x y z
C1 GLC A . 2.86 9.14 0.22
C2 GLC A . 2.23 8.99 -1.14
C3 GLC A . 0.73 9.15 -1.07
C4 GLC A . 0.16 8.22 -0.02
C5 GLC A . 0.82 8.54 1.30
C6 GLC A . 0.36 7.73 2.46
O2 GLC A . 2.81 9.87 -2.07
O3 GLC A . 0.18 8.84 -2.35
O4 GLC A . -1.26 8.41 0.05
O5 GLC A . 2.24 8.28 1.15
O6 GLC A . 1.03 8.26 3.62
H1 GLC A . 3.81 8.88 0.15
H2 GLC A . 2.41 8.08 -1.43
H3 GLC A . 0.51 10.07 -0.84
H4 GLC A . 0.35 7.31 -0.26
H5 GLC A . 0.70 9.49 1.51
H61 GLC A . -0.60 7.80 2.56
H62 GLC A . 0.60 6.80 2.34
HO2 GLC A . 3.61 9.94 -1.93
HO3 GLC A . 0.14 9.52 -2.81
HO6 GLC A . 1.02 7.71 4.23
C1 GLC A . -2.08 7.34 -0.38
C2 GLC A . -3.15 7.84 -1.29
C3 GLC A . -4.32 8.46 -0.53
C4 GLC A . -4.76 7.51 0.55
C5 GLC A . -3.60 7.29 1.49
C6 GLC A . -3.89 6.43 2.66
O2 GLC A . -2.60 8.72 -2.24
O3 GLC A . -5.36 8.68 -1.49
O4 GLC A . -5.88 8.04 1.22
O5 GLC A . -2.57 6.61 0.71
O6 GLC A . -4.25 5.12 2.23
H1 GLC A . -1.52 6.72 -0.90
H2 GLC A . -3.51 7.06 -1.77
H3 GLC A . -4.03 9.31 -0.13
H4 GLC A . -5.00 6.66 0.13
H5 GLC A . -3.25 8.15 1.80
H61 GLC A . -3.11 6.39 3.24
H62 GLC A . -4.62 6.82 3.17
HO2 GLC A . -2.39 9.42 -1.87
HO3 GLC A . -6.01 8.99 -1.11
HO6 GLC A . -4.67 4.74 2.83
C1 GLC A . -7.10 7.24 1.17
C2 GLC A . -8.21 8.14 0.79
C3 GLC A . -8.59 9.09 1.94
C4 GLC A . -8.79 8.29 3.19
C5 GLC A . -7.56 7.47 3.50
C6 GLC A . -7.72 6.59 4.69
O2 GLC A . -7.90 8.87 -0.38
O3 GLC A . -9.77 9.79 1.61
O4 GLC A . -9.02 9.24 4.25
O5 GLC A . -7.31 6.57 2.39
O6 GLC A . -8.87 5.76 4.59
H1 GLC A . -6.99 6.58 0.47
H2 GLC A . -8.99 7.58 0.59
H3 GLC A . -7.86 9.72 2.08
H4 GLC A . -9.57 7.70 3.10
H5 GLC A . -6.80 8.05 3.63
H61 GLC A . -6.93 6.04 4.79
H62 GLC A . -7.80 7.14 5.49
HO2 GLC A . -8.59 9.20 -0.68
HO3 GLC A . -10.14 9.43 0.97
HO6 GLC A . -8.68 5.09 4.14
C1 GLC A . -10.24 9.16 4.94
C2 GLC A . -10.80 10.56 5.05
C3 GLC A . -9.85 11.41 5.87
C4 GLC A . -9.54 10.74 7.17
C5 GLC A . -9.16 9.29 7.04
C6 GLC A . -9.10 8.52 8.31
O2 GLC A . -10.97 11.10 3.75
O3 GLC A . -10.43 12.68 6.07
O4 GLC A . -8.43 11.43 7.75
O5 GLC A . -10.10 8.59 6.20
O6 GLC A . -10.36 8.43 8.90
O6 GLC A . -8.57 7.24 8.15
H1 GLC A . -10.86 8.61 4.42
H2 GLC A . -11.66 10.53 5.50
H3 GLC A . -9.01 11.52 5.37
H4 GLC A . -10.31 10.81 7.77
H5 GLC A . -8.28 9.25 6.61
H61 GLC A . -8.76 7.62 8.12
H61 GLC A . -8.55 9.01 8.95
H62 GLC A . -8.48 8.95 8.92
H62 GLC A . -9.99 8.44 8.67
HO2 GLC A . -10.55 11.79 3.67
HO3 GLC A . -10.00 13.10 6.63
HO6 GLC A . -10.86 8.01 8.41
HO6 GLC A . -8.39 6.92 8.89
C1 GLC A . -8.60 12.17 8.93
C2 GLC A . -7.80 13.47 8.74
C3 GLC A . -6.36 13.11 8.56
C4 GLC A . -5.87 12.25 9.69
C5 GLC A . -6.74 11.04 9.92
C6 GLC A . -6.42 10.24 11.13
O2 GLC A . -8.30 14.17 7.61
O3 GLC A . -5.57 14.31 8.51
O4 GLC A . -4.57 11.77 9.32
O5 GLC A . -8.11 11.45 10.03
O6 GLC A . -6.55 11.08 12.29
O6 GLC A . -6.93 8.89 10.97
H1 GLC A . -9.55 12.37 9.06
H2 GLC A . -7.90 14.02 9.55
H3 GLC A . -6.25 12.62 7.72
H4 GLC A . -5.80 12.77 10.52
H5 GLC A . -6.67 10.46 9.13
H61 GLC A . -7.02 9.48 11.20
H61 GLC A . -5.45 10.22 11.26
H62 GLC A . -5.51 9.91 11.07
H62 GLC A . -6.81 10.66 11.91
HO2 GLC A . -7.72 14.69 7.33
HO3 GLC A . -5.23 14.44 9.24
HO6 GLC A . -5.97 11.66 12.29
HO6 GLC A . -6.34 8.35 11.16
C1 GLC A . -3.46 12.30 10.02
C2 GLC A . -2.39 12.60 9.02
C3 GLC A . -1.88 11.34 8.37
C4 GLC A . -1.46 10.34 9.40
C5 GLC A . -2.56 10.10 10.42
C6 GLC A . -2.14 9.24 11.57
O2 GLC A . -2.86 13.56 8.11
O3 GLC A . -0.80 11.63 7.51
O4 GLC A . -1.19 9.10 8.71
O5 GLC A . -2.99 11.35 10.98
O6 GLC A . -1.01 9.81 12.21
H1 GLC A . -3.71 13.12 10.47
H2 GLC A . -1.63 13.01 9.51
H3 GLC A . -2.61 10.95 7.84
H4 GLC A . -0.66 10.65 9.85
H5 GLC A . -3.31 9.68 9.97
H61 GLC A . -2.88 9.17 12.20
H62 GLC A . -1.93 8.35 11.26
HO2 GLC A . -3.29 14.13 8.50
HO3 GLC A . -1.03 12.24 7.00
HO6 GLC A . -0.61 9.22 12.60
C1 GLC A . 0.10 8.55 8.83
C2 GLC A . 0.58 8.16 7.46
C3 GLC A . -0.36 7.10 6.91
C4 GLC A . -0.44 5.95 7.85
C5 GLC A . -0.77 6.37 9.28
C6 GLC A . -0.61 5.27 10.26
O2 GLC A . 0.62 9.29 6.60
O3 GLC A . 0.15 6.66 5.64
O4 GLC A . -1.53 5.11 7.41
O5 GLC A . 0.12 7.44 9.68
O6 GLC A . -0.99 5.61 11.56
H1 GLC A . 0.70 9.23 9.19
H2 GLC A . 1.47 7.78 7.53
H3 GLC A . -1.25 7.49 6.79
H4 GLC A . 0.40 5.44 7.84
H5 GLC A . -1.70 6.71 9.31
H61 GLC A . -1.15 4.52 9.97
H62 GLC A . 0.32 4.99 10.26
HO2 GLC A . 0.20 9.14 5.92
HO3 GLC A . -0.23 5.97 5.42
HO6 GLC A . -0.41 6.07 11.90
C1 GLC A . -1.21 3.88 6.80
C2 GLC A . -1.95 3.77 5.49
C3 GLC A . -3.44 3.73 5.77
C4 GLC A . -3.76 2.60 6.72
C5 GLC A . -2.90 2.67 7.98
C6 GLC A . -2.98 1.45 8.82
O2 GLC A . -1.59 4.84 4.64
O3 GLC A . -4.14 3.56 4.53
O4 GLC A . -5.11 2.73 7.12
O5 GLC A . -1.50 2.79 7.63
O6 GLC A . -2.55 0.30 8.08
H1 GLC A . -0.24 3.88 6.61
H2 GLC A . -1.70 2.92 5.06
H3 GLC A . -3.72 4.58 6.18
H4 GLC A . -3.61 1.74 6.27
H5 GLC A . -3.16 3.45 8.51
H61 GLC A . -2.42 1.54 9.61
H62 GLC A . -3.90 1.31 9.11
HO2 GLC A . -1.79 4.65 3.87
HO3 GLC A . -4.94 3.71 4.65
HO6 GLC A . -2.72 -0.38 8.49
C1 GLC A . -6.04 1.72 6.73
C2 GLC A . -7.24 2.45 6.15
C3 GLC A . -7.88 3.30 7.20
C4 GLC A . -8.17 2.54 8.45
C5 GLC A . -6.99 1.71 8.92
C6 GLC A . -7.34 0.79 10.04
O2 GLC A . -6.82 3.20 5.03
O3 GLC A . -9.07 3.91 6.70
O4 GLC A . -8.48 3.50 9.46
O5 GLC A . -6.41 0.95 7.85
O6 GLC A . -8.20 -0.20 9.65
O6 GLC A . -6.39 -0.15 10.35
H1 GLC A . -5.64 1.14 6.05
H2 GLC A . -7.89 1.77 5.85
H3 GLC A . -7.25 4.02 7.43
H4 GLC A . -8.94 1.96 8.30
H5 GLC A . -6.30 2.33 9.25
H61 GLC A . -6.52 0.38 10.38
H61 GLC A . -7.51 1.32 10.82
H62 GLC A . -7.75 1.30 10.76
H62 GLC A . -8.16 0.33 9.81
HO2 GLC A . -6.76 2.71 4.37
HO3 GLC A . -9.01 3.99 5.88
HO6 GLC A . -8.29 -0.74 10.25
HO6 GLC A . -6.33 -0.69 9.73
C1 GLC A . -9.73 3.41 10.12
C2 GLC A . -10.27 4.82 10.22
C3 GLC A . -9.33 5.66 11.04
C4 GLC A . -9.11 5.01 12.38
C5 GLC A . -8.70 3.56 12.27
C6 GLC A . -8.71 2.83 13.58
O2 GLC A . -10.49 5.34 8.94
O3 GLC A . -9.82 6.97 11.17
O4 GLC A . -8.06 5.74 13.05
O5 GLC A . -9.60 2.85 11.40
O6 GLC A . -8.07 1.61 13.55
O6 GLC A . -9.97 2.83 14.16
H1 GLC A . -10.34 2.86 9.59
H2 GLC A . -11.13 4.78 10.69
H3 GLC A . -8.46 5.70 10.57
H4 GLC A . -9.93 5.09 12.90
H5 GLC A . -7.79 3.51 11.89
H61 GLC A . -8.29 3.39 14.25
H61 GLC A . -8.42 1.92 13.44
H62 GLC A . -9.63 2.69 13.85
H62 GLC A . -8.09 3.25 14.18
HO2 GLC A . -9.78 5.40 8.53
HO3 GLC A . -9.65 7.26 11.93
HO6 GLC A . -8.52 1.08 13.12
HO6 GLC A . -10.46 2.29 13.77
C1 GLC A . -8.35 6.34 14.31
C2 GLC A . -7.80 7.72 14.29
C3 GLC A . -6.29 7.70 14.30
C4 GLC A . -5.80 6.84 15.40
C5 GLC A . -6.42 5.45 15.36
C6 GLC A . -6.08 4.58 16.51
O2 GLC A . -8.30 8.47 13.21
O3 GLC A . -5.79 9.03 14.45
O4 GLC A . -4.35 6.72 15.24
O5 GLC A . -7.85 5.60 15.36
O6 GLC A . -6.49 5.08 17.74
O6 GLC A . -6.53 3.27 16.39
H1 GLC A . -9.33 6.40 14.40
H2 GLC A . -8.09 8.18 15.11
H3 GLC A . -5.97 7.34 13.44
H4 GLC A . -6.00 7.26 16.26
H5 GLC A . -6.15 5.01 14.53
H61 GLC A . -6.49 3.71 16.38
H61 GLC A . -5.11 4.56 16.62
H62 GLC A . -5.12 4.46 16.54
H62 GLC A . -6.46 4.97 17.32
HO2 GLC A . -7.93 8.22 12.52
HO3 GLC A . -5.92 9.28 15.22
HO6 GLC A . -7.31 5.03 17.78
HO6 GLC A . -6.45 2.88 17.10
C1 GLC A . -3.53 7.23 16.27
C2 GLC A . -2.44 8.08 15.67
C3 GLC A . -1.50 7.19 14.88
C4 GLC A . -1.00 6.07 15.73
C5 GLC A . -2.14 5.29 16.35
C6 GLC A . -1.68 4.32 17.41
O2 GLC A . -3.00 9.11 14.90
O3 GLC A . -0.44 7.97 14.36
O4 GLC A . -0.21 5.17 14.94
O5 GLC A . -2.99 6.21 17.07
O6 GLC A . -0.95 5.01 18.42
H1 GLC A . -4.09 7.81 16.85
H2 GLC A . -1.94 8.48 16.41
H3 GLC A . -2.00 6.80 14.13
H4 GLC A . -0.43 6.44 16.43
H5 GLC A . -2.65 4.83 15.66
H61 GLC A . -2.45 3.89 17.81
H62 GLC A . -1.12 3.63 17.01
HO2 GLC A . -3.34 8.79 14.21
HO3 GLC A . 0.21 7.93 14.86
HO6 GLC A . -1.32 5.72 18.59
C1 GLC A . 1.17 5.10 15.18
C2 GLC A . 1.90 5.05 13.86
C3 GLC A . 1.65 3.72 13.15
C4 GLC A . 1.95 2.58 14.09
C5 GLC A . 1.22 2.73 15.41
C6 GLC A . 1.59 1.69 16.43
O2 GLC A . 1.51 6.14 13.05
O3 GLC A . 2.52 3.68 12.02
O4 GLC A . 1.63 1.32 13.49
O5 GLC A . 1.51 4.01 15.98
O6 GLC A . 2.93 1.65 16.76
H1 GLC A . 1.43 5.92 15.65
H2 GLC A . 2.86 5.13 14.04
H3 GLC A . 0.71 3.68 12.86
H4 GLC A . 2.91 2.60 14.27
H5 GLC A . 0.26 2.67 15.24
H61 GLC A . 1.07 1.86 17.23
H62 GLC A . 1.33 0.82 16.10
HO2 GLC A . 0.93 6.58 13.43
HO3 GLC A . 2.15 4.04 11.38
HO6 GLC A . 3.36 1.32 16.15
C1 GLC A . 0.36 1.14 12.93
C2 GLC A . -0.01 -0.30 13.04
C3 GLC A . 0.62 -1.18 12.02
C4 GLC A . 0.48 -0.60 10.64
C5 GLC A . 1.10 0.78 10.68
C6 GLC A . 1.17 1.50 9.38
O2 GLC A . 0.25 -0.80 14.37
O3 GLC A . 0.08 -2.50 12.06
O4 GLC A . 1.16 -1.46 9.74
O5 GLC A . 0.31 1.58 11.58
O6 GLC A . 1.84 2.74 9.63
H1 GLC A . -0.28 1.67 13.45
H2 GLC A . -0.98 -0.36 12.90
H3 GLC A . 1.57 -1.25 12.23
H4 GLC A . -0.46 -0.53 10.39
H5 GLC A . 2.00 0.70 11.05
H61 GLC A . 1.68 0.97 8.74
H62 GLC A . 0.29 1.65 9.04
HO2 GLC A . 0.11 -1.60 14.39
HO3 GLC A . -0.73 -2.46 11.96
HO6 GLC A . 2.09 3.06 8.92
C1 GLC A . 0.46 -1.86 8.55
C2 GLC A . 0.29 -3.34 8.52
C3 GLC A . 1.58 -4.05 8.16
C4 GLC A . 2.16 -3.44 6.91
C5 GLC A . 2.37 -1.96 7.10
C6 GLC A . 2.90 -1.25 5.90
O2 GLC A . -0.28 -3.81 9.72
O3 GLC A . 1.29 -5.44 7.94
O4 GLC A . 3.37 -4.10 6.56
O5 GLC A . 1.10 -1.37 7.43
O6 GLC A . 2.18 -1.50 4.73
H1 GLC A . -0.43 -1.46 8.58
H2 GLC A . -0.34 -3.54 7.81
H3 GLC A . 2.22 -3.96 8.89
H4 GLC A . 1.52 -3.58 6.18
H5 GLC A . 2.99 -1.83 7.85
H61 GLC A . 2.89 -0.30 6.08
H62 GLC A . 3.82 -1.52 5.77
HO2 GLC A . -0.51 -4.59 9.62
HO3 GLC A . 1.36 -5.85 8.65
HO6 GLC A . 1.42 -1.72 4.92
C1 GLC A . 3.24 -5.07 5.51
C2 GLC A . 4.16 -6.22 5.77
C3 GLC A . 5.60 -5.86 5.54
C4 GLC A . 5.78 -5.20 4.21
C5 GLC A . 4.84 -4.00 4.07
C6 GLC A . 4.85 -3.36 2.72
O2 GLC A . 3.89 -6.74 7.06
O3 GLC A . 6.41 -7.02 5.63
O4 GLC A . 7.14 -4.74 4.11
O5 GLC A . 3.48 -4.48 4.27
O6 GLC A . 4.03 -2.22 2.74
O6 GLC A . 4.39 -4.26 1.71
H1 GLC A . 2.31 -5.40 5.52
H2 GLC A . 3.92 -6.92 5.12
H3 GLC A . 5.87 -5.24 6.24
H4 GLC A . 5.60 -5.84 3.49
H5 GLC A . 5.05 -3.34 4.76
H61 GLC A . 5.76 -3.09 2.50
H61 GLC A . 4.29 -2.57 2.74
H62 GLC A . 4.54 -3.97 2.05
H62 GLC A . 5.76 -3.07 2.51
HO2 GLC A . 4.21 -7.50 7.11
HO3 GLC A . 6.28 -7.49 4.97
HO6 GLC A . 4.09 -1.83 2.03
HO6 GLC A . 3.65 -4.02 1.45
C1 GLC A . 7.94 -5.19 3.04
C2 GLC A . 9.29 -5.58 3.60
C3 GLC A . 9.99 -4.36 4.13
C4 GLC A . 10.01 -3.24 3.15
C5 GLC A . 8.64 -2.98 2.57
C6 GLC A . 8.58 -1.95 1.49
O2 GLC A . 9.13 -6.55 4.64
O3 GLC A . 11.32 -4.74 4.53
O4 GLC A . 10.41 -2.06 3.85
O5 GLC A . 8.07 -4.18 2.07
O6 GLC A . 9.47 -2.25 0.45
H1 GLC A . 7.52 -5.99 2.63
H2 GLC A . 9.82 -5.97 2.88
H3 GLC A . 9.52 -4.05 4.92
H4 GLC A . 10.64 -3.44 2.43
H5 GLC A . 8.06 -2.67 3.31
H61 GLC A . 7.68 -1.90 1.15
H62 GLC A . 8.81 -1.09 1.87
HO2 GLC A . 8.44 -6.40 5.06
HO3 GLC A . 11.29 -5.41 4.99
HO6 GLC A . 9.30 -1.77 -0.20
C1 GLC A . 11.69 -1.50 3.59
C2 GLC A . 12.39 -1.29 4.90
C3 GLC A . 11.54 -0.37 5.75
C4 GLC A . 11.24 0.89 5.04
C5 GLC A . 10.71 0.69 3.63
C6 GLC A . 10.70 1.93 2.80
O2 GLC A . 12.61 -2.53 5.55
O3 GLC A . 12.18 -0.11 6.99
O4 GLC A . 10.21 1.58 5.77
O5 GLC A . 11.54 -0.28 2.92
O6 GLC A . 12.01 2.48 2.73
H1 GLC A . 12.21 -2.11 3.03
H2 GLC A . 13.25 -0.86 4.74
H3 GLC A . 10.68 -0.83 5.94
H4 GLC A . 12.06 1.45 5.00
H5 GLC A . 9.80 0.33 3.70
H61 GLC A . 10.39 1.71 1.91
H62 GLC A . 10.09 2.56 3.19
HO2 GLC A . 12.46 -3.14 5.02
HO3 GLC A . 12.28 0.69 7.07
HO6 GLC A . 12.06 2.99 2.09
C1 GLC A . 10.59 2.73 6.51
C2 GLC A . 9.87 2.69 7.84
C3 GLC A . 8.38 2.84 7.63
C4 GLC A . 8.10 4.06 6.83
C5 GLC A . 8.88 4.05 5.52
C6 GLC A . 8.74 5.30 4.71
O2 GLC A . 10.19 1.49 8.51
O3 GLC A . 7.71 2.86 8.89
O4 GLC A . 6.70 4.07 6.53
O5 GLC A . 10.27 3.90 5.81
O6 GLC A . 9.24 6.44 5.39
H1 GLC A . 11.57 2.70 6.68
H2 GLC A . 10.19 3.44 8.38
H3 GLC A . 8.06 2.07 7.13
H4 GLC A . 8.32 4.86 7.36
H5 GLC A . 8.58 3.29 4.99
H61 GLC A . 9.22 5.18 3.88
H62 GLC A . 7.80 5.43 4.50
HO2 GLC A . 10.15 0.86 7.99
HO3 GLC A . 7.04 3.32 8.83
HO6 GLC A . 9.19 7.09 4.91
C1 GLC A . 5.91 5.14 7.01
C2 GLC A . 4.67 4.57 7.63
C3 GLC A . 3.84 3.86 6.57
C4 GLC A . 3.61 4.71 5.37
C5 GLC A . 4.88 5.38 4.86
C6 GLC A . 4.59 6.44 3.85
O2 GLC A . 5.01 3.64 8.66
O3 GLC A . 2.59 3.49 7.16
O4 GLC A . 3.11 3.86 4.33
O5 GLC A . 5.57 6.01 5.96
O6 GLC A . 5.79 6.91 3.22
H1 GLC A . 6.42 5.63 7.69
H2 GLC A . 4.15 5.29 8.02
H3 GLC A . 4.31 3.05 6.30
H4 GLC A . 2.94 5.40 5.58
H5 GLC A . 5.47 4.70 4.46
H61 GLC A . 3.99 6.09 3.18
H62 GLC A . 4.15 7.19 4.29
HO2 GLC A . 4.35 3.21 8.88
HO3 GLC A . 2.00 3.53 6.60
HO6 GLC A . 6.12 7.50 3.69
C1 GLC A . 1.74 3.94 3.99
C2 GLC A . 1.14 2.55 4.07
C3 GLC A . 1.74 1.66 3.02
C4 GLC A . 1.58 2.30 1.65
C5 GLC A . 2.13 3.71 1.64
C6 GLC A . 1.84 4.48 0.38
O2 GLC A . 1.30 2.03 5.37
O3 GLC A . 1.12 0.39 3.02
O4 GLC A . 2.33 1.52 0.72
O5 GLC A . 1.55 4.47 2.71
O6 GLC A . 0.45 4.53 0.15
H1 GLC A . 1.28 4.51 4.64
H2 GLC A . 0.18 2.62 3.88
H3 GLC A . 2.70 1.55 3.21
H4 GLC A . 0.64 2.31 1.40
H5 GLC A . 3.09 3.66 1.76
H61 GLC A . 2.20 5.38 0.46
H62 GLC A . 2.27 4.04 -0.37
HO2 GLC A . 1.61 1.27 5.32
HO3 GLC A . 1.48 -0.10 3.58
HO6 GLC A . 0.05 4.21 0.79
C1 GLC A . 1.63 0.73 -0.23
C2 GLC A . 2.24 -0.64 -0.20
C3 GLC A . 3.70 -0.54 -0.55
C4 GLC A . 3.90 0.16 -1.85
C5 GLC A . 3.11 1.44 -1.96
C6 GLC A . 3.04 2.00 -3.36
O2 GLC A . 2.04 -1.27 1.06
O3 GLC A . 4.30 -1.82 -0.54
O4 GLC A . 5.28 0.48 -1.94
O5 GLC A . 1.75 1.28 -1.53
O6 GLC A . 2.61 3.39 -3.30
O6 GLC A . 2.75 0.92 -4.27
H1 GLC A . 0.67 0.68 0.02
H2 GLC A . 1.80 -1.18 -0.88
H3 GLC A . 4.14 -0.01 0.15
H4 GLC A . 3.65 -0.44 -2.58
H5 GLC A . 3.54 2.11 -1.38
H61 GLC A . 3.91 1.94 -3.78
H61 GLC A . 2.34 2.67 -3.41
H62 GLC A . 2.40 1.48 -3.89
H62 GLC A . 3.88 2.41 -3.59
HO2 GLC A . 1.72 -0.72 1.59
HO3 GLC A . 3.91 -2.31 -0.01
HO6 GLC A . 3.19 3.84 -2.94
HO6 GLC A . 3.44 0.51 -4.45
C1 GLC A . 6.04 0.00 -3.02
C2 GLC A . 7.32 -0.57 -2.46
C3 GLC A . 8.08 0.53 -1.75
C4 GLC A . 8.30 1.69 -2.68
C5 GLC A . 7.03 2.15 -3.34
C6 GLC A . 7.21 3.18 -4.38
O2 GLC A . 7.01 -1.62 -1.56
O3 GLC A . 9.34 0.01 -1.28
O4 GLC A . 8.87 2.76 -1.94
O5 GLC A . 6.33 1.03 -3.93
O6 GLC A . 6.13 3.22 -5.30
O6 GLC A . 8.10 2.90 -5.36
H1 GLC A . 5.55 -0.70 -3.47
H2 GLC A . 7.86 -0.93 -3.19
H3 GLC A . 7.56 0.84 -0.98
H4 GLC A . 8.93 1.41 -3.38
H5 GLC A . 6.46 2.53 -2.65
H61 GLC A . 7.30 4.05 -3.95
H61 GLC A . 6.34 3.34 -4.79
H62 GLC A . 8.03 3.01 -4.86
H62 GLC A . 7.48 4.00 -3.94
HO2 GLC A . 6.91 -2.32 -1.97
HO3 GLC A . 9.95 0.47 -1.57
HO6 GLC A . 5.46 3.49 -4.93
HO6 GLC A . 8.38 2.13 -5.27
C1 GLC A . 10.12 3.31 -2.36
C2 GLC A . 11.04 3.37 -1.19
C3 GLC A . 10.59 4.44 -0.21
C4 GLC A . 10.34 5.74 -0.92
C5 GLC A . 9.41 5.57 -2.10
C6 GLC A . 9.32 6.83 -2.91
O2 GLC A . 11.10 2.11 -0.54
O3 GLC A . 11.56 4.61 0.83
O4 GLC A . 9.73 6.64 0.04
O5 GLC A . 9.95 4.56 -2.97
O6 GLC A . 8.35 6.74 -3.92
O6 GLC A . 10.52 7.06 -3.58
H1 GLC A . 10.51 2.71 -3.02
H2 GLC A . 11.94 3.61 -1.51
H3 GLC A . 9.75 4.15 0.20
H4 GLC A . 11.20 6.13 -1.22
H5 GLC A . 8.52 5.30 -1.79
H61 GLC A . 9.09 7.57 -2.32
H61 GLC A . 8.59 6.75 -3.56
H62 GLC A . 10.18 7.01 -3.31
H62 GLC A . 9.11 7.58 -2.33
HO2 GLC A . 10.38 1.97 -0.17
HO3 GLC A . 12.26 4.90 0.50
HO6 GLC A . 8.45 7.36 -4.45
HO6 GLC A . 10.54 7.83 -3.83
C1 GLC A . 10.46 7.76 0.47
C2 GLC A . 10.35 7.92 1.96
C3 GLC A . 8.92 8.28 2.35
C4 GLC A . 8.42 9.44 1.55
C5 GLC A . 8.64 9.27 0.08
C6 GLC A . 8.39 10.50 -0.74
O2 GLC A . 10.77 6.74 2.62
O3 GLC A . 8.87 8.58 3.75
O4 GLC A . 7.01 9.60 1.80
O5 GLC A . 10.02 8.93 -0.19
O6 GLC A . 8.42 10.20 -2.13
H1 GLC A . 11.41 7.62 0.24
H2 GLC A . 10.94 8.65 2.24
H3 GLC A . 8.35 7.51 2.18
H4 GLC A . 8.87 10.25 1.85
H5 GLC A . 8.07 8.54 -0.25
H61 GLC A . 7.52 10.87 -0.51
H62 GLC A . 9.06 11.17 -0.53
HO2 GLC A . 11.05 6.21 2.07
HO3 GLC A . 8.14 8.93 3.92
HO6 GLC A . 7.69 9.93 -2.37
C1 GLC A . 6.55 10.78 2.41
C2 GLC A . 5.44 10.48 3.35
C3 GLC A . 4.18 10.02 2.61
C4 GLC A . 3.85 10.95 1.50
C5 GLC A . 5.05 11.28 0.64
C6 GLC A . 4.76 12.36 -0.37
O2 GLC A . 5.77 9.52 4.33
O3 GLC A . 3.14 9.98 3.61
O4 GLC A . 2.80 10.47 0.65
O5 GLC A . 6.15 11.72 1.44
O6 GLC A . 4.41 13.55 0.24
H1 GLC A . 7.30 11.16 2.92
H2 GLC A . 5.21 11.31 3.82
H3 GLC A . 4.32 9.11 2.25
H4 GLC A . 3.54 11.79 1.90
H5 GLC A . 5.33 10.46 0.16
H61 GLC A . 5.56 12.51 -0.92
H62 GLC A . 4.04 12.07 -0.96
HO2 GLC A . 6.39 9.80 4.79
HO3 GLC A . 2.42 9.81 3.24
HO6 GLC A . 4.41 14.15 -0.32
C1 GLC B . -0.25 -0.04 -12.25
C2 GLC B . -1.11 -0.29 -13.45
C3 GLC B . -2.58 -0.28 -13.11
C4 GLC B . -2.87 -1.13 -11.91
C5 GLC B . -2.00 -0.66 -10.78
C6 GLC B . -2.16 -1.43 -9.50
O2 GLC B . -0.83 0.66 -14.48
O3 GLC B . -3.33 -0.74 -14.24
O4 GLC B . -4.27 -0.93 -11.53
O5 GLC B . -0.61 -0.86 -11.18
O6 GLC B . -1.38 -0.78 -8.52
H1 GLC B . 0.68 -0.24 -12.49
H2 GLC B . -0.88 -1.19 -13.80
H3 GLC B . -2.84 0.64 -12.92
H4 GLC B . -2.70 -2.06 -12.11
H5 GLC B . -2.15 0.28 -10.61
H61 GLC B . -3.09 -1.44 -9.23
H62 GLC B . -1.85 -2.35 -9.62
HO2 GLC B . -0.15 0.46 -14.88
HO3 GLC B . -2.96 -0.49 -14.92
HO6 GLC B . -0.58 -0.83 -8.72
C1 GLC B . -5.16 -1.92 -11.99
C2 GLC B . -6.34 -1.29 -12.64
C3 GLC B . -7.31 -0.72 -11.62
C4 GLC B . -7.62 -1.82 -10.65
C5 GLC B . -6.36 -2.32 -9.97
C6 GLC B . -6.50 -3.38 -8.96
O2 GLC B . -5.93 -0.36 -13.58
O3 GLC B . -8.49 -0.23 -12.23
O4 GLC B . -8.54 -1.33 -9.65
O5 GLC B . -5.51 -2.82 -11.00
O6 GLC B . -7.03 -4.58 -9.48
H1 GLC B . -4.69 -2.43 -12.68
H2 GLC B . -6.82 -1.99 -13.12
H3 GLC B . -6.87 0.01 -11.14
H4 GLC B . -8.04 -2.56 -11.14
H5 GLC B . -5.92 -1.55 -9.55
H61 GLC B . -5.63 -3.56 -8.58
H62 GLC B . -7.08 -3.06 -8.24
HO2 GLC B . -6.27 0.37 -13.41
HO3 GLC B . -8.35 0.52 -12.52
HO6 GLC B . -7.86 -4.53 -9.49
C1 GLC B . -9.71 -2.13 -9.42
C2 GLC B . -10.92 -1.27 -9.61
C3 GLC B . -10.99 -0.21 -8.52
C4 GLC B . -10.89 -0.85 -7.17
C5 GLC B . -9.69 -1.75 -7.05
C6 GLC B . -9.63 -2.58 -5.82
O2 GLC B . -10.93 -0.71 -10.90
O3 GLC B . -12.17 0.54 -8.66
O4 GLC B . -10.81 0.19 -6.17
O5 GLC B . -9.67 -2.69 -8.14
O6 GLC B . -10.69 -3.49 -5.69
H1 GLC B . -9.73 -2.85 -10.08
H2 GLC B . -11.71 -1.83 -9.52
H3 GLC B . -10.23 0.39 -8.63
H4 GLC B . -11.70 -1.39 -7.01
H5 GLC B . -8.88 -1.19 -7.10
H61 GLC B . -8.79 -3.07 -5.81
H62 GLC B . -9.63 -1.99 -5.04
HO2 GLC B . -11.69 -0.45 -11.09
HO3 GLC B . -12.26 1.01 -8.00
HO6 GLC B . -11.41 -3.08 -5.70
C1 GLC B . -11.86 0.33 -5.26
C2 GLC B . -12.17 1.80 -5.06
C3 GLC B . -11.04 2.48 -4.33
C4 GLC B . -10.70 1.74 -3.06
C5 GLC B . -10.43 0.27 -3.35
C6 GLC B . -10.20 -0.58 -2.15
O2 GLC B . -12.40 2.38 -6.34
O3 GLC B . -11.35 3.83 -4.06
O4 GLC B . -9.52 2.32 -2.52
O5 GLC B . -11.57 -0.29 -4.04
O6 GLC B . -11.30 -0.56 -1.27
H1 GLC B . -12.66 -0.10 -5.64
H2 GLC B . -12.98 1.88 -4.53
H3 GLC B . -10.26 2.46 -4.91
H4 GLC B . -11.43 1.82 -2.43
H5 GLC B . -9.65 0.21 -3.94
H61 GLC B . -10.03 -1.50 -2.44
H62 GLC B . -9.42 -0.27 -1.68
HO2 GLC B . -13.17 2.25 -6.57
HO3 GLC B . -12.10 3.89 -3.74
HO6 GLC B . -11.22 -1.14 -0.70
C1 GLC B . -9.55 2.98 -1.27
C2 GLC B . -8.81 4.28 -1.42
C3 GLC B . -7.38 4.02 -1.75
C4 GLC B . -6.74 3.07 -0.76
C5 GLC B . -7.58 1.83 -0.55
C6 GLC B . -7.13 0.95 0.55
O2 GLC B . -9.43 5.12 -2.38
O3 GLC B . -6.62 5.24 -1.78
O4 GLC B . -5.48 2.66 -1.30
O5 GLC B . -8.95 2.19 -0.28
O6 GLC B . -7.10 1.66 1.78
H1 GLC B . -10.49 3.15 -1.02
H2 GLC B . -8.84 4.74 -0.56
H3 GLC B . -7.33 3.60 -2.64
H4 GLC B . -6.61 3.53 0.10
H5 GLC B . -7.57 1.31 -1.39
H61 GLC B . -7.72 0.19 0.63
H62 GLC B . -6.25 0.62 0.35
HO2 GLC B . -9.69 4.66 -3.02
HO3 GLC B . -6.75 5.61 -2.49
HO6 GLC B . -7.13 1.11 2.41
C1 GLC B . -4.29 3.04 -0.64
C2 GLC B . -3.31 3.48 -1.72
C3 GLC B . -2.96 2.33 -2.60
C4 GLC B . -2.47 1.16 -1.81
C5 GLC B . -3.44 0.80 -0.70
C6 GLC B . -2.91 -0.23 0.25
O2 GLC B . -3.84 4.58 -2.43
O3 GLC B . -1.97 2.73 -3.57
O4 GLC B . -2.35 0.03 -2.70
O5 GLC B . -3.75 1.96 0.07
O6 GLC B . -1.67 0.16 0.79
H1 GLC B . -4.48 3.78 -0.03
H2 GLC B . -2.48 3.79 -1.27
H3 GLC B . -3.76 2.05 -3.08
H4 GLC B . -1.58 1.37 -1.41
H5 GLC B . -4.26 0.46 -1.10
H61 GLC B . -3.54 -0.34 0.98
H62 GLC B . -2.81 -1.07 -0.20
HO2 GLC B . -3.55 4.59 -3.18
HO3 GLC B . -1.56 2.07 -3.82
HO6 GLC B . -1.49 -0.31 1.45
C1 GLC B . -1.10 -0.54 -2.92
C2 GLC B . -0.97 -0.80 -4.39
C3 GLC B . -1.96 -1.85 -4.82
C4 GLC B . -1.89 -3.06 -3.95
C5 GLC B . -1.95 -2.74 -2.48
C6 GLC B . -1.65 -3.90 -1.59
O2 GLC B . -1.11 0.38 -5.12
O3 GLC B . -1.77 -2.21 -6.20
O4 GLC B . -2.99 -3.92 -4.29
O5 GLC B . -0.95 -1.73 -2.17
O6 GLC B . -1.95 -3.64 -0.24
H1 GLC B . -0.40 0.09 -2.65
H2 GLC B . -0.07 -1.15 -4.56
H3 GLC B . -2.85 -1.48 -4.74
H4 GLC B . -1.05 -3.54 -4.14
H5 GLC B . -2.84 -2.39 -2.27
H61 GLC B . -2.16 -4.67 -1.90
H62 GLC B . -0.71 -4.11 -1.67
HO2 GLC B . -0.76 0.30 -5.85
HO3 GLC B . -2.06 -2.95 -6.33
HO6 GLC B . -1.98 -4.35 0.17
C1 GLC B . -2.71 -5.17 -4.89
C2 GLC B . -3.63 -5.37 -6.07
C3 GLC B . -5.06 -5.47 -5.57
C4 GLC B . -5.19 -6.47 -4.50
C5 GLC B . -4.17 -6.34 -3.40
C6 GLC B . -4.10 -7.54 -2.52
O2 GLC B . -3.43 -4.37 -7.01
O3 GLC B . -5.88 -5.86 -6.68
O4 GLC B . -6.49 -6.32 -3.91
O5 GLC B . -2.85 -6.22 -3.98
O6 GLC B . -3.77 -8.71 -3.27
H1 GLC B . -1.78 -5.17 -5.22
H2 GLC B . -3.40 -6.22 -6.48
H3 GLC B . -5.36 -4.59 -5.26
H4 GLC B . -5.13 -7.36 -4.90
H5 GLC B . -4.36 -5.55 -2.87
H61 GLC B . -3.42 -7.40 -1.82
H62 GLC B . -4.95 -7.66 -2.08
HO2 GLC B . -3.93 -3.74 -6.86
HO3 GLC B . -6.39 -6.46 -6.45
HO6 GLC B . -4.05 -9.38 -2.88
C1 GLC B . -7.44 -7.33 -4.13
C2 GLC B . -8.76 -6.68 -4.50
C3 GLC B . -9.23 -5.83 -3.34
C4 GLC B . -9.27 -6.62 -2.07
C5 GLC B . -8.00 -7.37 -1.81
C6 GLC B . -8.11 -8.43 -0.74
O2 GLC B . -8.60 -5.92 -5.68
O3 GLC B . -10.52 -5.30 -3.61
O4 GLC B . -9.48 -5.70 -0.99
O5 GLC B . -7.59 -8.10 -2.98
O6 GLC B . -9.06 -9.43 -1.10
H1 GLC B . -7.14 -7.89 -4.87
H2 GLC B . -9.42 -7.39 -4.66
H3 GLC B . -8.60 -5.08 -3.22
H4 GLC B . -10.01 -7.26 -2.09
H5 GLC B . -7.28 -6.75 -1.57
H61 GLC B . -7.24 -8.84 -0.60
H62 GLC B . -8.38 -8.01 0.09
HO2 GLC B . -7.97 -5.41 -5.59
HO3 GLC B . -10.98 -5.33 -2.93
HO6 GLC B . -8.89 -10.13 -0.70
C1 GLC B . -10.69 -5.77 -0.27
C2 GLC B . -11.19 -4.34 -0.14
C3 GLC B . -10.21 -3.54 0.66
C4 GLC B . -9.98 -4.20 2.00
C5 GLC B . -9.54 -5.64 1.80
C6 GLC B . -9.35 -6.41 3.08
O2 GLC B . -11.45 -3.81 -1.41
O3 GLC B . -10.65 -2.21 0.87
O4 GLC B . -8.95 -3.48 2.66
O5 GLC B . -10.49 -6.33 0.99
O6 GLC B . -10.55 -6.49 3.75
H1 GLC B . -11.33 -6.31 -0.77
H2 GLC B . -12.05 -4.37 0.36
H3 GLC B . -9.36 -3.51 0.17
H4 GLC B . -10.80 -4.18 2.53
H5 GLC B . -8.68 -5.64 1.33
H61 GLC B . -9.03 -7.29 2.88
H62 GLC B . -8.70 -5.96 3.63
HO2 GLC B . -10.75 -3.60 -1.77
HO3 GLC B . -10.02 -1.74 1.10
HO6 GLC B . -10.43 -6.73 4.51
C1 GLC B . -9.20 -2.87 3.90
C2 GLC B . -8.64 -1.46 3.87
C3 GLC B . -7.14 -1.54 3.75
C4 GLC B . -6.58 -2.41 4.81
C5 GLC B . -7.22 -3.77 4.88
C6 GLC B . -6.80 -4.60 6.04
O2 GLC B . -9.19 -0.74 2.77
O3 GLC B . -6.60 -0.21 3.81
O4 GLC B . -5.18 -2.61 4.48
O5 GLC B . -8.65 -3.62 4.96
O6 GLC B . -7.19 -5.97 5.92
O6 GLC B . -6.97 -3.89 7.25
H1 GLC B . -10.17 -2.81 4.03
H2 GLC B . -8.88 -1.01 4.70
H3 GLC B . -6.91 -1.93 2.87
H4 GLC B . -6.65 -1.97 5.68
H5 GLC B . -7.01 -4.26 4.05
H61 GLC B . -5.83 -4.56 6.12
H61 GLC B . -7.31 -5.42 6.06
H62 GLC B . -7.18 -4.23 6.85
H62 GLC B . -5.86 -4.84 5.94
HO2 GLC B . -9.92 -0.45 2.97
HO3 GLC B . -5.78 -0.24 3.76
HO6 GLC B . -6.74 -6.43 6.42
HO6 GLC B . -7.48 -3.25 7.12
C1 GLC B . -4.21 -2.22 5.41
C2 GLC B . -3.18 -1.37 4.70
C3 GLC B . -2.41 -2.20 3.70
C4 GLC B . -1.88 -3.45 4.32
C5 GLC B . -2.97 -4.23 5.01
C6 GLC B . -2.53 -5.45 5.72
O2 GLC B . -3.85 -0.29 4.09
O3 GLC B . -1.33 -1.41 3.16
O4 GLC B . -1.26 -4.24 3.32
O5 GLC B . -3.59 -3.36 5.99
O6 GLC B . -1.67 -5.26 6.75
O6 GLC B . -3.43 -5.89 6.66
H1 GLC B . -4.63 -1.69 6.12
H2 GLC B . -2.55 -1.03 5.37
H3 GLC B . -3.01 -2.44 2.98
H4 GLC B . -1.20 -3.21 4.99
H5 GLC B . -3.64 -4.47 4.34
H61 GLC B . -3.32 -5.91 6.06
H61 GLC B . -2.38 -6.15 5.07
H62 GLC B . -2.11 -6.04 5.07
H62 GLC B . -1.69 -5.27 6.16
HO2 GLC B . -3.32 0.33 3.98
HO3 GLC B . -0.87 -1.88 2.68
HO6 GLC B . -1.49 -5.99 7.09
HO6 GLC B . -3.19 -6.63 6.95
C1 GLC B . 0.12 -4.43 3.38
C2 GLC B . 0.74 -4.43 2.02
C3 GLC B . 0.40 -5.73 1.27
C4 GLC B . 0.68 -6.90 2.13
C5 GLC B . 0.06 -6.80 3.52
C6 GLC B . 0.46 -7.87 4.45
O2 GLC B . 0.33 -3.32 1.28
O3 GLC B . 1.21 -5.73 0.08
O4 GLC B . 0.32 -8.15 1.55
O5 GLC B . 0.47 -5.57 4.12
O6 GLC B . 1.81 -8.14 4.49
O6 GLC B . 0.03 -7.61 5.77
H1 GLC B . 0.49 -3.65 3.85
H2 GLC B . 1.71 -4.38 2.13
H3 GLC B . -0.54 -5.72 1.02
H4 GLC B . 1.66 -6.92 2.27
H5 GLC B . -0.92 -6.80 3.43
H61 GLC B . 0.18 -7.63 5.34
H61 GLC B . 0.08 -8.72 4.15
H62 GLC B . -0.01 -8.69 4.20
H62 GLC B . 1.43 -7.97 4.44
HO2 GLC B . -0.48 -3.32 1.20
HO3 GLC B . 1.77 -5.14 0.13
HO6 GLC B . 1.95 -8.80 4.96
HO6 GLC B . 0.01 -8.30 6.21
C1 GLC B . -0.98 -8.23 1.00
C2 GLC B . -1.48 -9.63 1.19
C3 GLC B . -0.90 -10.58 0.18
C4 GLC B . -0.88 -10.02 -1.20
C5 GLC B . -0.23 -8.67 -1.22
C6 GLC B . -0.12 -7.97 -2.53
O2 GLC B . -1.27 -10.11 2.53
O3 GLC B . -1.60 -11.83 0.23
O4 GLC B . -0.21 -10.95 -2.06
O5 GLC B . -0.98 -7.81 -0.34
O6 GLC B . 0.66 -6.80 -2.38
H1 GLC B . -1.56 -7.64 1.52
H2 GLC B . -2.44 -9.61 1.04
H3 GLC B . 0.04 -10.76 0.43
H4 GLC B . -1.82 -9.93 -1.50
H5 GLC B . 0.67 -8.76 -0.85
H61 GLC B . 0.29 -8.56 -3.18
H62 GLC B . -1.01 -7.74 -2.85
HO2 GLC B . -1.63 -10.84 2.61
HO3 GLC B . -2.36 -11.72 -0.06
HO6 GLC B . 1.46 -6.99 -2.44
C1 GLC B . -0.92 -11.48 -3.17
C2 GLC B . -0.77 -12.98 -3.20
C3 GLC B . 0.63 -13.37 -3.61
C4 GLC B . 1.00 -12.67 -4.90
C5 GLC B . 0.90 -11.17 -4.68
C6 GLC B . 1.26 -10.33 -5.84
O2 GLC B . -1.11 -13.51 -1.93
O3 GLC B . 0.66 -14.79 -3.78
O4 GLC B . 2.33 -13.05 -5.30
O5 GLC B . -0.48 -10.88 -4.36
O6 GLC B . 0.51 -10.65 -6.99
H1 GLC B . -1.87 -11.27 -3.06
H2 GLC B . -1.39 -13.34 -3.86
H3 GLC B . 1.26 -13.13 -2.91
H4 GLC B . 0.36 -12.94 -5.60
H5 GLC B . 1.46 -10.91 -3.93
H61 GLC B . 1.11 -9.40 -5.62
H62 GLC B . 2.20 -10.45 -6.03
HO2 GLC B . -1.60 -12.98 -1.54
HO3 GLC B . 1.44 -15.05 -3.78
HO6 GLC B . 0.58 -10.05 -7.54
C1 GLC B . 2.40 -13.91 -6.45
C2 GLC B . 3.49 -14.89 -6.27
C3 GLC B . 4.85 -14.25 -6.41
C4 GLC B . 4.91 -13.44 -7.66
C5 GLC B . 3.77 -12.46 -7.76
C6 GLC B . 3.68 -11.69 -9.04
O2 GLC B . 3.37 -15.60 -5.05
O3 GLC B . 5.87 -15.22 -6.37
O4 GLC B . 6.17 -12.75 -7.68
O5 GLC B . 2.53 -13.17 -7.62
O6 GLC B . 2.63 -10.68 -8.91
O6 GLC B . 3.86 -12.53 -10.18
H1 GLC B . 1.56 -14.41 -6.50
H2 GLC B . 3.41 -15.55 -6.98
H3 GLC B . 4.98 -13.64 -5.65
H4 GLC B . 4.88 -14.04 -8.44
H5 GLC B . 3.84 -11.83 -7.01
H61 GLC B . 4.53 -11.26 -9.22
H61 GLC B . 2.81 -11.25 -9.09
H62 GLC B . 3.47 -12.29 -9.77
H62 GLC B . 4.37 -11.00 -9.05
HO2 GLC B . 3.44 -15.08 -4.42
HO3 GLC B . 6.60 -14.87 -6.49
HO6 GLC B . 1.90 -11.04 -9.00
HO6 GLC B . 3.13 -12.85 -10.40
C1 GLC B . 7.02 -12.94 -8.79
C2 GLC B . 8.44 -13.12 -8.29
C3 GLC B . 8.95 -11.84 -7.66
C4 GLC B . 8.78 -10.68 -8.59
C5 GLC B . 7.34 -10.61 -9.10
C6 GLC B . 7.12 -9.57 -10.16
O2 GLC B . 8.50 -14.20 -7.39
O3 GLC B . 10.32 -11.99 -7.30
O4 GLC B . 9.06 -9.49 -7.85
O5 GLC B . 6.95 -11.86 -9.69
O6 GLC B . 7.93 -9.87 -11.28
H1 GLC B . 6.75 -13.75 -9.26
H2 GLC B . 9.01 -13.32 -9.07
H3 GLC B . 8.42 -11.67 -6.85
H4 GLC B . 9.40 -10.77 -9.36
H5 GLC B . 6.75 -10.41 -8.34
H61 GLC B . 6.18 -9.57 -10.42
H62 GLC B . 7.34 -8.69 -9.82
HO2 GLC B . 8.48 -14.91 -7.81
HO3 GLC B . 10.38 -12.35 -6.57
HO6 GLC B . 7.60 -9.55 -11.96
C1 GLC B . 10.20 -8.72 -8.23
C2 GLC B . 10.85 -8.23 -6.98
C3 GLC B . 9.91 -7.31 -6.26
C4 GLC B . 9.47 -6.20 -7.20
C5 GLC B . 8.91 -6.74 -8.47
C6 GLC B . 8.59 -5.73 -9.50
O2 GLC B . 11.28 -9.29 -6.18
O3 GLC B . 10.55 -6.76 -5.11
O4 GLC B . 8.44 -5.45 -6.51
O5 GLC B . 9.83 -7.66 -9.07
O6 GLC B . 9.64 -4.86 -9.82
O6 GLC B . 7.75 -6.24 -10.52
H1 GLC B . 10.82 -9.31 -8.71
H2 GLC B . 11.64 -7.70 -7.24
H3 GLC B . 9.12 -7.81 -5.98
H4 GLC B . 10.24 -5.61 -7.39
H5 GLC B . 8.09 -7.23 -8.25
H61 GLC B . 8.32 -6.20 -10.30
H61 GLC B . 8.15 -4.98 -9.08
H62 GLC B . 7.82 -5.21 -9.20
H62 GLC B . 9.41 -5.41 -9.90
HO2 GLC B . 11.83 -9.02 -5.63
HO3 GLC B . 10.20 -6.04 -4.92
HO6 GLC B . 10.23 -5.27 -10.19
HO6 GLC B . 7.37 -5.62 -10.90
C1 GLC B . 8.69 -4.11 -6.20
C2 GLC B . 8.16 -3.88 -4.80
C3 GLC B . 6.67 -4.06 -4.80
C4 GLC B . 6.00 -3.25 -5.88
C5 GLC B . 6.65 -3.42 -7.22
C6 GLC B . 6.19 -2.44 -8.27
O2 GLC B . 8.81 -4.76 -3.89
O3 GLC B . 6.15 -3.69 -3.52
O4 GLC B . 4.64 -3.71 -5.99
O5 GLC B . 8.09 -3.25 -7.11
O6 GLC B . 6.37 -1.11 -7.88
H1 GLC B . 9.66 -3.95 -6.19
H2 GLC B . 8.36 -2.95 -4.54
H3 GLC B . 6.46 -5.01 -4.96
H4 GLC B . 6.01 -2.31 -5.61
H5 GLC B . 6.47 -4.32 -7.55
H61 GLC B . 6.67 -2.60 -9.08
H62 GLC B . 5.25 -2.59 -8.44
HO2 GLC B . 8.75 -4.44 -3.13
HO3 GLC B . 5.33 -3.64 -3.55
HO6 GLC B . 7.17 -0.92 -7.94
C1 GLC B . 3.59 -2.88 -5.58
C2 GLC B . 2.63 -3.72 -4.77
C3 GLC B . 1.97 -4.74 -5.64
C4 GLC B . 1.41 -4.11 -6.88
C5 GLC B . 2.42 -3.25 -7.61
C6 GLC B . 1.87 -2.48 -8.76
O2 GLC B . 3.35 -4.34 -3.71
O3 GLC B . 0.93 -5.43 -4.92
O4 GLC B . 0.99 -5.18 -7.73
O5 GLC B . 2.96 -2.28 -6.69
O6 GLC B . 2.88 -1.84 -9.51
H1 GLC B . 3.96 -2.17 -5.00
H2 GLC B . 1.94 -3.13 -4.38
H3 GLC B . 2.65 -5.39 -5.91
H4 GLC B . 0.63 -3.56 -6.63
H5 GLC B . 3.14 -3.82 -7.93
H61 GLC B . 1.37 -3.09 -9.34
H62 GLC B . 1.24 -1.81 -8.44
HO2 GLC B . 3.32 -3.87 -3.03
HO3 GLC B . 1.25 -6.12 -4.60
HO6 GLC B . 3.20 -2.38 -10.06
C1 GLC B . -0.38 -5.29 -8.04
C2 GLC B . -0.77 -6.74 -7.88
C3 GLC B . -0.09 -7.58 -8.92
C4 GLC B . -0.33 -7.05 -10.31
C5 GLC B . 0.03 -5.57 -10.40
C6 GLC B . -0.40 -4.92 -11.67
O2 GLC B . -0.48 -7.13 -6.56
O3 GLC B . -0.55 -8.92 -8.84
O4 GLC B . 0.52 -7.76 -11.22
O5 GLC B . -0.65 -4.84 -9.35
O6 GLC B . -1.82 -5.03 -11.83
H1 GLC B . -0.89 -4.75 -7.40
H2 GLC B . -1.74 -6.81 -8.02
H3 GLC B . 0.87 -7.58 -8.75
H4 GLC B . -1.28 -7.17 -10.55
H5 GLC B . 1.00 -5.47 -10.30
H61 GLC B . -0.15 -3.98 -11.66
H62 GLC B . 0.04 -5.35 -12.43
HO2 GLC B . -0.97 -7.76 -6.35
HO3 GLC B . -0.16 -9.38 -9.40
HO6 GLC B . -2.16 -5.14 -11.09
C1 GLC B . -0.12 -8.63 -12.14
C2 GLC B . 0.66 -9.92 -12.18
C3 GLC B . 2.05 -9.65 -12.69
C4 GLC B . 2.03 -8.93 -13.99
C5 GLC B . 1.10 -7.73 -14.00
C6 GLC B . 0.83 -7.20 -15.38
O2 GLC B . 0.67 -10.57 -10.93
O3 GLC B . 2.73 -10.91 -12.79
O4 GLC B . 3.37 -8.40 -14.21
O5 GLC B . -0.18 -8.07 -13.42
O6 GLC B . 0.20 -8.21 -16.18
H1 GLC B . -1.03 -8.82 -11.83
H2 GLC B . 0.21 -10.51 -12.82
H3 GLC B . 2.52 -9.10 -12.04
H4 GLC B . 1.80 -9.55 -14.71
H5 GLC B . 1.50 -7.02 -13.46
H61 GLC B . 0.24 -6.42 -15.32
H62 GLC B . 1.66 -6.93 -15.79
HO2 GLC B . 1.19 -11.20 -10.97
HO3 GLC B . 3.46 -10.80 -13.13
HO6 GLC B . 0.39 -8.09 -16.97
C1 GLC B . 4.19 -8.92 -15.22
C2 GLC B . 5.51 -9.34 -14.58
C3 GLC B . 6.19 -8.11 -14.02
C4 GLC B . 6.36 -7.08 -15.08
C5 GLC B . 5.08 -6.78 -15.79
C6 GLC B . 5.29 -5.97 -17.03
O2 GLC B . 5.25 -10.29 -13.58
O3 GLC B . 7.46 -8.46 -13.48
O4 GLC B . 6.87 -5.87 -14.50
O5 GLC B . 4.42 -7.99 -16.22
O6 GLC B . 6.19 -6.67 -17.95
O6 GLC B . 3.99 -5.46 -17.44
H1 GLC B . 3.75 -9.71 -15.61
H2 GLC B . 6.08 -9.74 -15.27
H3 GLC B . 5.64 -7.74 -13.31
H4 GLC B . 7.02 -7.40 -15.74
H5 GLC B . 4.48 -6.29 -15.18
H61 GLC B . 4.44 -5.82 -17.47
H61 GLC B . 5.89 -5.24 -16.85
H62 GLC B . 5.67 -5.11 -16.79
H62 GLC B . 5.67 -6.53 -17.73
HO2 GLC B . 5.95 -10.65 -13.35
HO3 GLC B . 8.04 -8.00 -13.84
HO6 GLC B . 6.29 -7.45 -17.71
HO6 GLC B . 3.53 -5.32 -16.78
C1 GLC B . 8.11 -5.37 -14.93
C2 GLC B . 8.93 -4.98 -13.73
C3 GLC B . 8.30 -3.78 -13.05
C4 GLC B . 8.04 -2.68 -14.01
C5 GLC B . 7.27 -3.16 -15.24
C6 GLC B . 7.17 -2.12 -16.32
O2 GLC B . 9.07 -6.06 -12.83
O3 GLC B . 9.15 -3.33 -11.99
O4 GLC B . 7.28 -1.69 -13.31
O5 GLC B . 7.93 -4.29 -15.79
O6 GLC B . 6.30 -2.49 -17.36
O6 GLC B . 8.43 -1.48 -16.51
H1 GLC B . 8.58 -6.09 -15.41
H2 GLC B . 9.83 -4.72 -14.04
H3 GLC B . 7.45 -4.07 -12.66
H4 GLC B . 8.89 -2.29 -14.29
H5 GLC B . 6.37 -3.42 -14.96
H61 GLC B . 6.85 -1.29 -15.93
H61 GLC B . 6.89 -2.53 -17.14
H62 GLC B . 8.05 -1.95 -16.68
H62 GLC B . 6.51 -1.45 -16.07
HO2 GLC B . 8.32 -6.33 -12.62
HO3 GLC B . 9.20 -3.91 -11.42
HO6 GLC B . 5.54 -2.51 -17.09
HO6 GLC B . 9.03 -2.02 -16.35
C1 GLC B . 7.74 -0.36 -13.27
C2 GLC B . 7.80 0.09 -11.84
C3 GLC B . 6.41 0.19 -11.26
C4 GLC B . 5.51 1.01 -12.15
C5 GLC B . 5.57 0.52 -13.56
C6 GLC B . 4.82 1.38 -14.53
O2 GLC B . 8.64 -0.76 -11.12
O3 GLC B . 6.46 0.75 -9.96
O4 GLC B . 4.17 0.96 -11.65
O5 GLC B . 6.93 0.47 -14.04
O6 GLC B . 5.27 1.18 -15.83
O6 GLC B . 5.42 2.63 -14.70
H1 GLC B . 8.65 -0.34 -13.63
H2 GLC B . 8.19 0.98 -11.82
H3 GLC B . 6.03 -0.71 -11.20
H4 GLC B . 5.83 1.93 -12.12
H5 GLC B . 5.20 -0.38 -13.60
H61 GLC B . 3.87 1.17 -14.48
H61 GLC B . 4.78 0.93 -15.39
H62 GLC B . 4.94 2.31 -14.29
H62 GLC B . 3.91 1.50 -14.21
HO2 GLC B . 8.20 -1.18 -10.56
HO3 GLC B . 7.09 0.42 -9.54
HO6 GLC B . 5.77 0.54 -15.86
HO6 GLC B . 5.04 3.04 -15.29
C1 GLC B . 3.66 2.11 -11.00
C2 GLC B . 2.82 1.71 -9.85
C3 GLC B . 1.49 1.10 -10.31
C4 GLC B . 0.85 1.93 -11.34
C5 GLC B . 1.79 2.31 -12.48
C6 GLC B . 1.20 3.39 -13.37
O2 GLC B . 3.50 0.85 -8.97
O3 GLC B . 0.67 0.98 -9.14
O4 GLC B . -0.32 1.31 -11.89
O5 GLC B . 2.97 2.92 -11.92
O6 GLC B . 1.97 3.45 -14.58
H1 GLC B . 4.42 2.62 -10.66
H2 GLC B . 2.61 2.52 -9.35
H3 GLC B . 1.66 0.20 -10.67
H4 GLC B . 0.57 2.77 -10.91
H5 GLC B . 2.03 1.52 -13.00
H61 GLC B . 0.27 3.19 -13.57
H62 GLC B . 1.23 4.25 -12.91
HO2 GLC B . 3.29 0.07 -9.12
HO3 GLC B . 0.28 1.69 -9.01
HO6 GLC B . 2.57 4.00 -14.50
#